data_1VA0
#
_entry.id   1VA0
#
_cell.length_a   60.500
_cell.length_b   63.568
_cell.length_c   131.902
_cell.angle_alpha   90.00
_cell.angle_beta   90.00
_cell.angle_gamma   90.00
#
_symmetry.space_group_name_H-M   'P 21 21 21'
#
loop_
_entity.id
_entity.type
_entity.pdbx_description
1 polymer 'Uroporphyrin-III C-methyltransferase'
2 non-polymer 'CHLORIDE ION'
3 non-polymer 1,2-ETHANEDIOL
4 water water
#
_entity_poly.entity_id   1
_entity_poly.type   'polypeptide(L)'
_entity_poly.pdbx_seq_one_letter_code
;GRVYLVGAGPGDPELLTLKAYRLLKEAPVVLYDRLVDERVLALAPGEKVYVGKEEGESEKQEEIHRLLLRHARAHPFVVR
LKGGDPMVFGRGGEEVLFLLRHGVPVEVVPGVTSLLASGLPLTHRGLAHGFAAVSGVLEGGGYPDLRPFARVPTLVVLMG
VGRRVWIAKELLRLGRDPREPTLFVERASTPKERRVHARLEEVAEGKVEVRPPALWILGEVVRVFAEKEAPVDALALGG
;
_entity_poly.pdbx_strand_id   A,B
#
# COMPACT_ATOMS: atom_id res chain seq x y z
N GLY A 1 -24.46 -2.57 -15.53
CA GLY A 1 -24.08 -1.41 -14.70
C GLY A 1 -22.59 -1.35 -14.37
N ARG A 2 -22.25 -0.44 -13.47
CA ARG A 2 -20.88 -0.19 -13.04
C ARG A 2 -20.39 -1.11 -11.95
N VAL A 3 -19.09 -1.40 -11.98
CA VAL A 3 -18.48 -2.24 -10.95
C VAL A 3 -17.49 -1.41 -10.14
N TYR A 4 -17.64 -1.40 -8.82
CA TYR A 4 -16.70 -0.70 -7.96
C TYR A 4 -15.78 -1.77 -7.40
N LEU A 5 -14.49 -1.66 -7.69
CA LEU A 5 -13.50 -2.62 -7.19
C LEU A 5 -13.05 -1.99 -5.88
N VAL A 6 -13.46 -2.59 -4.77
CA VAL A 6 -13.21 -2.00 -3.47
C VAL A 6 -12.31 -2.74 -2.48
N GLY A 7 -11.42 -1.98 -1.86
CA GLY A 7 -10.53 -2.56 -0.87
C GLY A 7 -11.23 -2.68 0.48
N ALA A 8 -11.20 -3.87 1.06
CA ALA A 8 -11.85 -4.11 2.35
C ALA A 8 -10.97 -3.75 3.55
N GLY A 9 -9.69 -3.46 3.29
CA GLY A 9 -8.81 -3.16 4.39
C GLY A 9 -8.22 -4.47 4.90
N PRO A 10 -7.33 -4.44 5.90
CA PRO A 10 -6.73 -5.67 6.40
C PRO A 10 -7.57 -6.56 7.31
N GLY A 11 -8.70 -6.04 7.78
CA GLY A 11 -9.54 -6.85 8.64
C GLY A 11 -10.48 -5.99 9.47
N ASP A 12 -9.90 -5.10 10.26
CA ASP A 12 -10.65 -4.21 11.11
C ASP A 12 -11.57 -3.36 10.24
N PRO A 13 -12.90 -3.43 10.46
CA PRO A 13 -13.88 -2.66 9.69
C PRO A 13 -13.67 -1.15 9.77
N GLU A 14 -12.99 -0.73 10.83
CA GLU A 14 -12.68 0.67 11.06
C GLU A 14 -11.62 1.14 10.09
N LEU A 15 -10.94 0.19 9.44
CA LEU A 15 -9.92 0.54 8.47
C LEU A 15 -10.46 0.56 7.04
N LEU A 16 -11.78 0.47 6.94
CA LEU A 16 -12.44 0.60 5.65
C LEU A 16 -12.32 2.10 5.37
N THR A 17 -12.32 2.50 4.10
CA THR A 17 -12.31 3.92 3.75
C THR A 17 -13.77 4.35 3.81
N LEU A 18 -13.99 5.66 3.90
CA LEU A 18 -15.36 6.19 3.94
C LEU A 18 -16.07 5.76 2.66
N LYS A 19 -15.35 5.85 1.56
CA LYS A 19 -15.89 5.50 0.25
C LYS A 19 -16.31 4.04 0.22
N ALA A 20 -15.43 3.14 0.66
CA ALA A 20 -15.75 1.71 0.66
C ALA A 20 -16.97 1.45 1.55
N TYR A 21 -17.03 2.10 2.70
CA TYR A 21 -18.15 1.93 3.62
C TYR A 21 -19.46 2.39 3.01
N ARG A 22 -19.43 3.54 2.33
CA ARG A 22 -20.62 4.10 1.69
C ARG A 22 -21.13 3.10 0.64
N LEU A 23 -20.22 2.60 -0.17
CA LEU A 23 -20.60 1.68 -1.22
C LEU A 23 -21.14 0.35 -0.70
N LEU A 24 -20.53 -0.17 0.37
CA LEU A 24 -20.95 -1.43 0.97
C LEU A 24 -22.32 -1.35 1.58
N LYS A 25 -22.61 -0.20 2.18
CA LYS A 25 -23.92 -0.01 2.81
C LYS A 25 -25.04 0.12 1.78
N GLU A 26 -24.72 0.55 0.56
CA GLU A 26 -25.76 0.75 -0.44
C GLU A 26 -25.87 -0.24 -1.60
N ALA A 27 -24.83 -1.03 -1.80
CA ALA A 27 -24.80 -1.97 -2.91
C ALA A 27 -25.93 -3.00 -2.92
N PRO A 28 -26.56 -3.20 -4.09
CA PRO A 28 -27.64 -4.20 -4.12
C PRO A 28 -27.01 -5.60 -4.06
N VAL A 29 -25.76 -5.69 -4.52
CA VAL A 29 -25.02 -6.94 -4.50
C VAL A 29 -23.55 -6.68 -4.20
N VAL A 30 -22.96 -7.49 -3.33
CA VAL A 30 -21.55 -7.38 -2.99
C VAL A 30 -20.90 -8.72 -3.40
N LEU A 31 -19.91 -8.67 -4.29
CA LEU A 31 -19.21 -9.86 -4.77
C LEU A 31 -17.89 -9.87 -4.02
N TYR A 32 -17.75 -10.76 -3.05
CA TYR A 32 -16.55 -10.76 -2.25
C TYR A 32 -15.66 -11.98 -2.42
N ASP A 33 -14.34 -11.78 -2.30
CA ASP A 33 -13.48 -12.95 -2.40
C ASP A 33 -13.16 -13.53 -1.03
N ARG A 34 -12.40 -14.60 -1.02
CA ARG A 34 -12.05 -15.33 0.19
C ARG A 34 -11.40 -14.57 1.36
N LEU A 35 -10.51 -13.65 1.03
CA LEU A 35 -9.78 -12.93 2.06
C LEU A 35 -10.44 -11.68 2.66
N VAL A 36 -11.74 -11.51 2.43
CA VAL A 36 -12.47 -10.36 2.96
C VAL A 36 -12.94 -10.73 4.38
N ASP A 37 -12.63 -9.86 5.34
CA ASP A 37 -12.97 -10.07 6.75
C ASP A 37 -14.47 -10.14 7.02
N GLU A 38 -14.83 -11.00 7.97
CA GLU A 38 -16.22 -11.25 8.36
C GLU A 38 -16.92 -10.00 8.84
N ARG A 39 -16.20 -9.21 9.62
CA ARG A 39 -16.76 -8.00 10.17
C ARG A 39 -17.11 -6.97 9.10
N VAL A 40 -16.34 -6.94 8.01
CA VAL A 40 -16.63 -5.99 6.94
C VAL A 40 -17.88 -6.43 6.19
N LEU A 41 -17.91 -7.70 5.85
CA LEU A 41 -19.03 -8.29 5.11
C LEU A 41 -20.37 -8.13 5.84
N ALA A 42 -20.35 -8.25 7.17
CA ALA A 42 -21.57 -8.12 7.96
C ALA A 42 -22.20 -6.73 7.87
N LEU A 43 -21.42 -5.74 7.43
CA LEU A 43 -21.91 -4.36 7.33
C LEU A 43 -22.76 -4.15 6.07
N ALA A 44 -22.63 -5.06 5.12
CA ALA A 44 -23.35 -4.95 3.85
C ALA A 44 -24.72 -5.62 3.90
N PRO A 45 -25.79 -4.84 3.69
CA PRO A 45 -27.13 -5.43 3.74
C PRO A 45 -27.63 -6.06 2.45
N GLY A 46 -26.95 -5.82 1.34
CA GLY A 46 -27.40 -6.36 0.08
C GLY A 46 -27.05 -7.82 -0.15
N GLU A 47 -27.36 -8.32 -1.33
CA GLU A 47 -27.05 -9.71 -1.64
C GLU A 47 -25.53 -9.90 -1.62
N LYS A 48 -25.05 -10.87 -0.84
CA LYS A 48 -23.62 -11.13 -0.77
C LYS A 48 -23.33 -12.43 -1.52
N VAL A 49 -22.51 -12.32 -2.57
CA VAL A 49 -22.17 -13.46 -3.40
C VAL A 49 -20.68 -13.77 -3.37
N TYR A 50 -20.34 -14.97 -2.92
CA TYR A 50 -18.94 -15.37 -2.87
C TYR A 50 -18.45 -15.56 -4.30
N VAL A 51 -17.47 -14.77 -4.70
CA VAL A 51 -16.87 -14.86 -6.02
C VAL A 51 -15.39 -14.79 -5.72
N GLY A 52 -14.79 -15.96 -5.55
CA GLY A 52 -13.38 -16.04 -5.23
C GLY A 52 -12.83 -17.41 -5.53
N LYS A 53 -11.61 -17.64 -5.06
CA LYS A 53 -10.94 -18.91 -5.29
C LYS A 53 -9.79 -19.03 -4.32
N GLU A 54 -9.23 -20.22 -4.27
CA GLU A 54 -8.05 -20.46 -3.46
C GLU A 54 -7.19 -21.03 -4.57
N GLU A 55 -6.10 -20.34 -4.88
CA GLU A 55 -5.17 -20.75 -5.94
C GLU A 55 -4.83 -22.23 -5.93
N LYS A 60 -11.91 -21.31 -10.91
CA LYS A 60 -10.86 -20.71 -11.72
C LYS A 60 -11.14 -19.22 -11.89
N GLN A 61 -10.22 -18.48 -12.50
CA GLN A 61 -10.45 -17.04 -12.62
C GLN A 61 -11.28 -16.58 -13.82
N GLU A 62 -11.40 -17.38 -14.87
CA GLU A 62 -12.21 -16.98 -15.99
C GLU A 62 -13.65 -17.13 -15.48
N GLU A 63 -13.85 -18.11 -14.61
CA GLU A 63 -15.18 -18.34 -14.04
C GLU A 63 -15.56 -17.12 -13.22
N ILE A 64 -14.61 -16.68 -12.41
CA ILE A 64 -14.82 -15.51 -11.58
C ILE A 64 -15.16 -14.33 -12.46
N HIS A 65 -14.46 -14.19 -13.57
CA HIS A 65 -14.73 -13.08 -14.48
C HIS A 65 -16.16 -13.13 -15.01
N ARG A 66 -16.59 -14.29 -15.47
CA ARG A 66 -17.93 -14.41 -16.02
C ARG A 66 -19.02 -14.10 -14.98
N LEU A 67 -18.81 -14.53 -13.74
CA LEU A 67 -19.75 -14.26 -12.65
C LEU A 67 -19.85 -12.75 -12.40
N LEU A 68 -18.70 -12.08 -12.41
CA LEU A 68 -18.65 -10.63 -12.20
C LEU A 68 -19.42 -9.93 -13.31
N LEU A 69 -19.27 -10.43 -14.53
CA LEU A 69 -19.93 -9.85 -15.69
C LEU A 69 -21.44 -10.04 -15.59
N ARG A 70 -21.85 -11.23 -15.17
CA ARG A 70 -23.27 -11.55 -15.05
C ARG A 70 -23.97 -10.64 -14.02
N HIS A 71 -23.37 -10.50 -12.84
CA HIS A 71 -23.95 -9.66 -11.82
C HIS A 71 -23.89 -8.18 -12.20
N ALA A 72 -22.79 -7.73 -12.76
CA ALA A 72 -22.68 -6.33 -13.15
C ALA A 72 -23.75 -5.94 -14.18
N ARG A 73 -24.08 -6.86 -15.08
CA ARG A 73 -25.09 -6.57 -16.09
C ARG A 73 -26.52 -6.51 -15.55
N ALA A 74 -26.76 -7.10 -14.38
CA ALA A 74 -28.10 -7.12 -13.81
C ALA A 74 -28.43 -6.03 -12.78
N HIS A 75 -27.51 -5.08 -12.57
CA HIS A 75 -27.73 -4.03 -11.57
C HIS A 75 -27.18 -2.68 -11.99
N PRO A 76 -27.66 -1.58 -11.37
CA PRO A 76 -27.14 -0.25 -11.73
C PRO A 76 -25.66 -0.25 -11.36
N PHE A 77 -25.33 -0.89 -10.25
CA PHE A 77 -23.93 -1.01 -9.86
C PHE A 77 -23.81 -2.16 -8.88
N VAL A 78 -22.60 -2.69 -8.73
CA VAL A 78 -22.34 -3.74 -7.78
C VAL A 78 -20.97 -3.45 -7.19
N VAL A 79 -20.68 -4.05 -6.06
CA VAL A 79 -19.41 -3.87 -5.39
C VAL A 79 -18.67 -5.19 -5.40
N ARG A 80 -17.43 -5.14 -5.89
CA ARG A 80 -16.55 -6.30 -5.94
C ARG A 80 -15.55 -5.99 -4.83
N LEU A 81 -15.74 -6.66 -3.70
CA LEU A 81 -14.94 -6.47 -2.50
C LEU A 81 -13.74 -7.41 -2.42
N LYS A 82 -12.56 -6.86 -2.15
CA LYS A 82 -11.33 -7.66 -2.05
C LYS A 82 -10.58 -7.29 -0.77
N GLY A 83 -9.81 -8.21 -0.22
CA GLY A 83 -9.06 -7.90 1.00
C GLY A 83 -7.98 -6.85 0.77
N GLY A 84 -7.71 -6.04 1.79
CA GLY A 84 -6.66 -5.02 1.71
C GLY A 84 -6.96 -3.98 0.64
N ASP A 85 -6.02 -3.79 -0.28
CA ASP A 85 -6.21 -2.86 -1.38
C ASP A 85 -6.50 -3.80 -2.55
N PRO A 86 -7.52 -3.49 -3.37
CA PRO A 86 -7.84 -4.38 -4.49
C PRO A 86 -6.83 -4.53 -5.62
N MET A 87 -5.91 -3.56 -5.74
CA MET A 87 -4.95 -3.59 -6.83
C MET A 87 -3.59 -4.27 -6.63
N VAL A 88 -3.34 -4.85 -5.47
CA VAL A 88 -2.09 -5.57 -5.25
C VAL A 88 -2.40 -6.94 -4.63
N PHE A 89 -1.75 -7.98 -5.15
CA PHE A 89 -1.92 -9.33 -4.62
C PHE A 89 -3.30 -9.98 -4.62
N GLY A 90 -4.15 -9.64 -5.58
CA GLY A 90 -5.47 -10.25 -5.61
C GLY A 90 -6.05 -10.42 -7.00
N ARG A 91 -5.21 -10.29 -8.03
CA ARG A 91 -5.66 -10.44 -9.42
C ARG A 91 -6.69 -9.35 -9.81
N GLY A 92 -6.69 -8.25 -9.07
CA GLY A 92 -7.61 -7.16 -9.37
C GLY A 92 -7.37 -6.57 -10.76
N GLY A 93 -6.11 -6.57 -11.20
CA GLY A 93 -5.80 -6.04 -12.50
C GLY A 93 -6.50 -6.84 -13.60
N GLU A 94 -6.51 -8.17 -13.44
CA GLU A 94 -7.14 -9.06 -14.41
C GLU A 94 -8.65 -8.83 -14.42
N GLU A 95 -9.23 -8.67 -13.23
CA GLU A 95 -10.67 -8.45 -13.14
C GLU A 95 -11.04 -7.15 -13.84
N VAL A 96 -10.31 -6.08 -13.55
CA VAL A 96 -10.60 -4.80 -14.18
C VAL A 96 -10.42 -4.90 -15.71
N LEU A 97 -9.37 -5.57 -16.15
CA LEU A 97 -9.09 -5.69 -17.59
C LEU A 97 -10.24 -6.40 -18.31
N PHE A 98 -10.65 -7.54 -17.77
CA PHE A 98 -11.74 -8.31 -18.35
C PHE A 98 -13.02 -7.49 -18.47
N LEU A 99 -13.35 -6.76 -17.40
CA LEU A 99 -14.55 -5.96 -17.39
C LEU A 99 -14.48 -4.83 -18.40
N LEU A 100 -13.35 -4.13 -18.46
CA LEU A 100 -13.22 -3.05 -19.41
C LEU A 100 -13.37 -3.60 -20.82
N ARG A 101 -12.78 -4.76 -21.07
CA ARG A 101 -12.87 -5.40 -22.38
C ARG A 101 -14.31 -5.77 -22.74
N HIS A 102 -15.15 -5.92 -21.73
CA HIS A 102 -16.55 -6.25 -21.98
C HIS A 102 -17.46 -5.03 -21.86
N GLY A 103 -16.84 -3.85 -21.90
CA GLY A 103 -17.61 -2.62 -21.84
C GLY A 103 -18.31 -2.31 -20.54
N VAL A 104 -17.84 -2.89 -19.43
CA VAL A 104 -18.43 -2.62 -18.12
C VAL A 104 -17.63 -1.50 -17.45
N PRO A 105 -18.29 -0.39 -17.06
CA PRO A 105 -17.56 0.70 -16.41
C PRO A 105 -17.01 0.19 -15.07
N VAL A 106 -15.81 0.61 -14.70
CA VAL A 106 -15.20 0.16 -13.45
C VAL A 106 -14.60 1.34 -12.72
N GLU A 107 -14.73 1.35 -11.40
CA GLU A 107 -14.13 2.41 -10.60
C GLU A 107 -13.35 1.72 -9.48
N VAL A 108 -12.07 2.07 -9.32
CA VAL A 108 -11.25 1.44 -8.28
C VAL A 108 -11.24 2.28 -7.02
N VAL A 109 -11.47 1.64 -5.88
CA VAL A 109 -11.43 2.34 -4.60
C VAL A 109 -10.32 1.72 -3.77
N PRO A 110 -9.20 2.44 -3.61
CA PRO A 110 -8.05 1.96 -2.85
C PRO A 110 -8.42 1.61 -1.41
N GLY A 111 -7.56 0.82 -0.77
CA GLY A 111 -7.81 0.46 0.61
C GLY A 111 -6.52 0.44 1.40
N VAL A 112 -6.63 0.07 2.67
CA VAL A 112 -5.47 -0.03 3.53
C VAL A 112 -4.93 -1.42 3.22
N THR A 113 -3.78 -1.48 2.56
CA THR A 113 -3.22 -2.78 2.21
C THR A 113 -2.75 -3.57 3.42
N SER A 114 -2.86 -4.90 3.33
CA SER A 114 -2.44 -5.80 4.40
C SER A 114 -0.98 -5.64 4.75
N LEU A 115 -0.19 -5.17 3.79
CA LEU A 115 1.24 -4.91 3.99
C LEU A 115 1.47 -3.93 5.12
N LEU A 116 0.46 -3.08 5.36
CA LEU A 116 0.55 -2.03 6.37
C LEU A 116 -0.26 -2.35 7.61
N ALA A 117 -0.69 -3.60 7.75
CA ALA A 117 -1.54 -3.98 8.87
C ALA A 117 -0.89 -3.97 10.26
N SER A 118 0.43 -4.14 10.35
CA SER A 118 1.10 -4.18 11.64
C SER A 118 1.36 -2.83 12.31
N GLY A 119 1.14 -1.73 11.59
CA GLY A 119 1.37 -0.43 12.17
C GLY A 119 2.83 -0.19 12.52
N LEU A 120 3.73 -0.98 11.94
CA LEU A 120 5.15 -0.83 12.20
C LEU A 120 5.83 -0.07 11.06
N PRO A 121 6.90 0.66 11.36
CA PRO A 121 7.58 1.40 10.31
C PRO A 121 8.33 0.51 9.31
N LEU A 122 8.00 0.63 8.01
CA LEU A 122 8.66 -0.19 6.98
C LEU A 122 9.88 0.55 6.46
N THR A 123 9.89 1.86 6.63
CA THR A 123 11.04 2.67 6.24
C THR A 123 11.43 3.38 7.53
N HIS A 124 12.72 3.58 7.74
CA HIS A 124 13.18 4.25 8.94
C HIS A 124 14.60 4.71 8.76
N ARG A 125 14.85 5.94 9.19
CA ARG A 125 16.16 6.55 9.09
C ARG A 125 17.27 5.57 9.45
N GLY A 126 18.28 5.50 8.61
CA GLY A 126 19.39 4.62 8.86
C GLY A 126 19.17 3.13 8.65
N LEU A 127 17.91 2.68 8.61
CA LEU A 127 17.63 1.25 8.44
C LEU A 127 17.07 0.84 7.07
N ALA A 128 16.08 1.58 6.57
CA ALA A 128 15.49 1.25 5.28
C ALA A 128 14.93 2.50 4.63
N HIS A 129 15.30 2.74 3.38
CA HIS A 129 14.84 3.90 2.64
C HIS A 129 13.73 3.54 1.64
N GLY A 130 13.30 2.28 1.69
CA GLY A 130 12.22 1.82 0.82
C GLY A 130 11.93 0.41 1.25
N PHE A 131 10.95 -0.24 0.65
CA PHE A 131 10.66 -1.62 1.01
C PHE A 131 10.13 -2.35 -0.21
N ALA A 132 10.01 -3.67 -0.12
CA ALA A 132 9.47 -4.44 -1.23
C ALA A 132 8.43 -5.35 -0.65
N ALA A 133 7.48 -5.76 -1.49
CA ALA A 133 6.43 -6.66 -1.05
C ALA A 133 6.23 -7.74 -2.10
N VAL A 134 6.11 -8.98 -1.64
CA VAL A 134 5.93 -10.07 -2.57
C VAL A 134 5.03 -11.12 -1.92
N SER A 135 4.47 -12.00 -2.73
CA SER A 135 3.59 -13.06 -2.23
C SER A 135 4.25 -14.41 -2.37
N GLY A 136 4.02 -15.30 -1.40
CA GLY A 136 4.60 -16.63 -1.46
C GLY A 136 3.79 -17.53 -2.38
N VAL A 137 2.61 -17.08 -2.78
CA VAL A 137 1.73 -17.86 -3.65
C VAL A 137 1.27 -16.99 -4.81
N LEU A 138 1.67 -17.36 -6.02
CA LEU A 138 1.28 -16.59 -7.19
C LEU A 138 0.04 -17.12 -7.84
N GLU A 139 -0.29 -16.54 -8.99
CA GLU A 139 -1.45 -16.96 -9.78
C GLU A 139 -1.28 -18.41 -10.16
N GLY A 140 -2.22 -19.26 -9.74
CA GLY A 140 -2.15 -20.66 -10.07
C GLY A 140 -1.30 -21.43 -9.08
N GLY A 141 -1.04 -20.82 -7.92
CA GLY A 141 -0.26 -21.46 -6.89
C GLY A 141 1.24 -21.53 -7.14
N GLY A 142 1.74 -20.85 -8.16
CA GLY A 142 3.16 -20.89 -8.43
C GLY A 142 4.05 -20.27 -7.36
N TYR A 143 5.33 -20.61 -7.40
CA TYR A 143 6.34 -20.10 -6.47
C TYR A 143 6.97 -18.84 -7.00
N PRO A 144 7.32 -17.88 -6.12
CA PRO A 144 7.91 -16.65 -6.63
C PRO A 144 9.42 -16.63 -6.87
N ASP A 145 9.84 -15.95 -7.93
CA ASP A 145 11.25 -15.77 -8.22
C ASP A 145 11.62 -14.61 -7.29
N LEU A 146 12.27 -14.93 -6.18
CA LEU A 146 12.64 -13.92 -5.19
C LEU A 146 13.89 -13.09 -5.50
N ARG A 147 14.62 -13.45 -6.54
CA ARG A 147 15.85 -12.73 -6.87
C ARG A 147 15.75 -11.19 -6.92
N PRO A 148 14.69 -10.64 -7.54
CA PRO A 148 14.55 -9.17 -7.60
C PRO A 148 14.35 -8.49 -6.25
N PHE A 149 13.87 -9.24 -5.27
CA PHE A 149 13.55 -8.72 -3.94
C PHE A 149 14.49 -9.09 -2.80
N ALA A 150 15.33 -10.09 -3.04
CA ALA A 150 16.21 -10.64 -2.02
C ALA A 150 17.01 -9.67 -1.17
N ARG A 151 17.45 -8.57 -1.77
CA ARG A 151 18.26 -7.60 -1.04
C ARG A 151 17.65 -6.29 -0.60
N VAL A 152 16.36 -6.15 -0.75
CA VAL A 152 15.71 -4.91 -0.35
C VAL A 152 15.80 -4.83 1.18
N PRO A 153 16.22 -3.68 1.72
CA PRO A 153 16.38 -3.46 3.16
C PRO A 153 15.23 -3.98 4.02
N THR A 154 14.00 -3.69 3.61
CA THR A 154 12.83 -4.17 4.33
C THR A 154 12.02 -4.96 3.31
N LEU A 155 11.73 -6.22 3.62
CA LEU A 155 10.95 -7.05 2.71
C LEU A 155 9.70 -7.52 3.43
N VAL A 156 8.56 -7.43 2.78
CA VAL A 156 7.31 -7.88 3.40
C VAL A 156 6.75 -8.99 2.52
N VAL A 157 6.40 -10.10 3.16
CA VAL A 157 5.88 -11.25 2.44
C VAL A 157 4.44 -11.57 2.81
N LEU A 158 3.56 -11.63 1.82
CA LEU A 158 2.16 -11.98 2.07
C LEU A 158 2.01 -13.45 1.63
N MET A 159 1.04 -14.15 2.22
CA MET A 159 0.81 -15.56 1.87
C MET A 159 2.09 -16.38 1.94
N GLY A 160 2.96 -16.09 2.91
CA GLY A 160 4.22 -16.82 3.00
C GLY A 160 4.39 -17.79 4.14
N VAL A 161 3.35 -18.01 4.93
CA VAL A 161 3.47 -18.92 6.07
C VAL A 161 3.63 -20.38 5.65
N GLY A 162 2.71 -20.87 4.83
CA GLY A 162 2.80 -22.26 4.38
C GLY A 162 4.15 -22.62 3.79
N ARG A 163 4.70 -21.72 2.98
CA ARG A 163 5.98 -21.95 2.31
C ARG A 163 7.13 -21.18 2.93
N ARG A 164 7.05 -20.86 4.22
CA ARG A 164 8.10 -20.08 4.87
C ARG A 164 9.52 -20.64 4.88
N VAL A 165 9.67 -21.96 4.98
CA VAL A 165 11.00 -22.55 4.99
C VAL A 165 11.64 -22.42 3.61
N TRP A 166 10.88 -22.72 2.56
CA TRP A 166 11.38 -22.59 1.19
C TRP A 166 11.76 -21.14 0.88
N ILE A 167 10.90 -20.22 1.30
CA ILE A 167 11.14 -18.79 1.08
C ILE A 167 12.41 -18.34 1.79
N ALA A 168 12.52 -18.66 3.07
CA ALA A 168 13.71 -18.28 3.82
C ALA A 168 14.97 -18.86 3.17
N LYS A 169 14.92 -20.12 2.77
CA LYS A 169 16.09 -20.74 2.14
C LYS A 169 16.45 -20.06 0.85
N GLU A 170 15.44 -19.74 0.03
CA GLU A 170 15.70 -19.05 -1.22
C GLU A 170 16.34 -17.69 -0.91
N LEU A 171 15.81 -17.01 0.09
CA LEU A 171 16.36 -15.70 0.45
C LEU A 171 17.81 -15.83 0.88
N LEU A 172 18.14 -16.92 1.58
CA LEU A 172 19.52 -17.13 2.03
C LEU A 172 20.37 -17.47 0.81
N ARG A 173 19.81 -18.27 -0.10
CA ARG A 173 20.53 -18.64 -1.31
C ARG A 173 20.79 -17.40 -2.14
N LEU A 174 19.86 -16.45 -2.11
CA LEU A 174 20.00 -15.22 -2.89
C LEU A 174 20.81 -14.08 -2.24
N GLY A 175 21.45 -14.37 -1.10
CA GLY A 175 22.29 -13.37 -0.45
C GLY A 175 21.83 -12.65 0.80
N ARG A 176 20.58 -12.85 1.21
CA ARG A 176 20.06 -12.16 2.40
C ARG A 176 20.69 -12.65 3.71
N ASP A 177 20.94 -11.70 4.62
CA ASP A 177 21.55 -11.97 5.91
C ASP A 177 20.82 -13.01 6.79
N PRO A 178 21.52 -14.11 7.13
CA PRO A 178 21.02 -15.23 7.96
C PRO A 178 20.62 -14.77 9.36
N ARG A 179 21.26 -13.73 9.85
CA ARG A 179 21.02 -13.23 11.19
C ARG A 179 19.92 -12.17 11.26
N GLU A 180 19.35 -11.83 10.11
CA GLU A 180 18.31 -10.81 10.04
C GLU A 180 17.08 -11.05 10.88
N PRO A 181 16.65 -10.03 11.64
CA PRO A 181 15.46 -10.18 12.46
C PRO A 181 14.23 -10.23 11.55
N THR A 182 13.24 -11.05 11.88
CA THR A 182 12.03 -11.08 11.07
C THR A 182 10.91 -11.12 12.08
N LEU A 183 9.69 -10.90 11.59
CA LEU A 183 8.52 -10.88 12.44
C LEU A 183 7.31 -11.41 11.71
N PHE A 184 6.53 -12.26 12.38
CA PHE A 184 5.30 -12.78 11.81
C PHE A 184 4.17 -12.15 12.60
N VAL A 185 3.21 -11.55 11.92
CA VAL A 185 2.07 -10.95 12.61
C VAL A 185 0.91 -11.80 12.18
N GLU A 186 0.65 -12.80 13.02
CA GLU A 186 -0.40 -13.76 12.82
C GLU A 186 -1.73 -13.03 13.00
N ARG A 187 -2.71 -13.35 12.14
CA ARG A 187 -4.03 -12.73 12.15
C ARG A 187 -3.99 -11.23 12.45
N ALA A 188 -3.21 -10.52 11.63
CA ALA A 188 -3.07 -9.09 11.77
C ALA A 188 -4.41 -8.43 11.58
N SER A 189 -4.59 -7.32 12.29
CA SER A 189 -5.82 -6.56 12.20
C SER A 189 -7.07 -7.26 12.75
N THR A 190 -6.88 -8.16 13.71
CA THR A 190 -8.01 -8.85 14.35
C THR A 190 -7.70 -8.91 15.85
N PRO A 191 -8.70 -9.27 16.66
CA PRO A 191 -8.49 -9.37 18.11
C PRO A 191 -7.52 -10.51 18.40
N LYS A 192 -7.48 -11.47 17.49
CA LYS A 192 -6.63 -12.65 17.60
C LYS A 192 -5.22 -12.47 17.05
N GLU A 193 -4.80 -11.21 16.90
CA GLU A 193 -3.48 -10.89 16.35
C GLU A 193 -2.36 -11.28 17.29
N ARG A 194 -1.42 -12.05 16.75
CA ARG A 194 -0.33 -12.55 17.53
C ARG A 194 0.99 -12.32 16.81
N ARG A 195 2.04 -11.97 17.55
CA ARG A 195 3.33 -11.71 16.94
C ARG A 195 4.43 -12.70 17.31
N VAL A 196 5.14 -13.22 16.30
CA VAL A 196 6.23 -14.18 16.50
C VAL A 196 7.52 -13.58 15.93
N HIS A 197 8.59 -13.64 16.72
CA HIS A 197 9.89 -13.12 16.28
C HIS A 197 10.81 -14.26 15.95
N ALA A 198 11.76 -14.01 15.04
CA ALA A 198 12.70 -15.05 14.64
C ALA A 198 13.67 -14.52 13.61
N ARG A 199 14.88 -15.07 13.58
CA ARG A 199 15.87 -14.63 12.61
C ARG A 199 15.62 -15.43 11.36
N LEU A 200 16.00 -14.86 10.23
CA LEU A 200 15.80 -15.56 8.99
C LEU A 200 16.24 -17.02 9.14
N GLU A 201 17.37 -17.25 9.82
CA GLU A 201 17.91 -18.59 10.04
C GLU A 201 16.94 -19.59 10.60
N GLU A 202 16.27 -19.19 11.67
CA GLU A 202 15.32 -20.06 12.32
C GLU A 202 14.19 -20.51 11.42
N VAL A 203 13.76 -19.62 10.53
CA VAL A 203 12.68 -19.96 9.61
C VAL A 203 13.19 -21.00 8.62
N ALA A 204 14.35 -20.73 8.04
CA ALA A 204 14.93 -21.65 7.06
C ALA A 204 15.11 -23.04 7.68
N GLU A 205 15.43 -23.07 8.98
CA GLU A 205 15.65 -24.31 9.72
C GLU A 205 14.39 -25.00 10.22
N GLY A 206 13.22 -24.41 9.99
CA GLY A 206 11.97 -24.99 10.43
C GLY A 206 11.73 -24.83 11.92
N LYS A 207 12.47 -23.93 12.55
CA LYS A 207 12.35 -23.70 13.98
C LYS A 207 11.27 -22.72 14.40
N VAL A 208 10.47 -22.22 13.44
CA VAL A 208 9.42 -21.25 13.78
C VAL A 208 8.00 -21.76 13.49
N GLU A 209 7.09 -21.53 14.45
CA GLU A 209 5.69 -21.97 14.32
C GLU A 209 4.74 -20.79 14.19
N VAL A 210 4.08 -20.77 13.04
CA VAL A 210 3.14 -19.73 12.72
C VAL A 210 2.10 -20.39 11.87
N ARG A 211 0.85 -20.07 12.15
CA ARG A 211 -0.26 -20.61 11.38
C ARG A 211 -0.77 -19.45 10.57
N PRO A 212 -1.22 -19.72 9.34
CA PRO A 212 -1.75 -18.70 8.43
C PRO A 212 -3.13 -18.21 8.89
N PRO A 213 -3.51 -16.98 8.51
CA PRO A 213 -2.70 -16.07 7.71
C PRO A 213 -1.77 -15.25 8.58
N ALA A 214 -0.70 -14.74 8.01
CA ALA A 214 0.21 -13.91 8.76
C ALA A 214 0.97 -13.01 7.82
N LEU A 215 1.30 -11.83 8.33
CA LEU A 215 2.06 -10.85 7.59
C LEU A 215 3.49 -11.08 8.07
N TRP A 216 4.43 -11.20 7.14
CA TRP A 216 5.81 -11.46 7.49
C TRP A 216 6.70 -10.29 7.06
N ILE A 217 7.34 -9.65 8.04
CA ILE A 217 8.23 -8.52 7.77
C ILE A 217 9.67 -8.89 8.07
N LEU A 218 10.55 -8.68 7.10
CA LEU A 218 11.97 -8.98 7.28
C LEU A 218 12.79 -7.70 7.18
N GLY A 219 13.76 -7.55 8.09
CA GLY A 219 14.62 -6.38 8.09
C GLY A 219 14.87 -5.78 9.46
N GLU A 220 15.92 -4.98 9.59
CA GLU A 220 16.26 -4.34 10.85
C GLU A 220 15.16 -3.48 11.50
N VAL A 221 14.16 -3.04 10.72
CA VAL A 221 13.10 -2.22 11.31
C VAL A 221 12.28 -3.00 12.33
N VAL A 222 12.34 -4.33 12.23
CA VAL A 222 11.62 -5.19 13.16
C VAL A 222 12.04 -4.91 14.60
N ARG A 223 13.33 -4.66 14.82
CA ARG A 223 13.83 -4.39 16.16
C ARG A 223 13.82 -2.92 16.61
N VAL A 224 13.21 -2.07 15.79
CA VAL A 224 13.02 -0.64 16.09
C VAL A 224 11.86 -0.53 17.07
N PHE A 225 10.91 -1.47 16.96
CA PHE A 225 9.69 -1.54 17.79
C PHE A 225 9.03 -0.21 18.05
N GLY B 1 -1.56 13.02 27.42
CA GLY B 1 -2.36 11.81 27.18
C GLY B 1 -1.85 10.92 26.04
N ARG B 2 -2.78 10.52 25.18
CA ARG B 2 -2.50 9.63 24.06
C ARG B 2 -2.38 10.32 22.70
N VAL B 3 -1.54 9.77 21.85
CA VAL B 3 -1.35 10.32 20.50
C VAL B 3 -1.79 9.25 19.49
N TYR B 4 -2.66 9.64 18.58
CA TYR B 4 -3.11 8.74 17.52
C TYR B 4 -2.33 9.22 16.30
N LEU B 5 -1.48 8.37 15.74
CA LEU B 5 -0.69 8.73 14.55
C LEU B 5 -1.54 8.16 13.41
N VAL B 6 -2.21 9.08 12.73
CA VAL B 6 -3.18 8.74 11.70
C VAL B 6 -2.84 9.03 10.24
N GLY B 7 -3.14 8.05 9.38
CA GLY B 7 -2.90 8.23 7.96
C GLY B 7 -4.07 8.99 7.35
N ALA B 8 -3.77 10.10 6.67
CA ALA B 8 -4.80 10.92 6.06
C ALA B 8 -5.20 10.42 4.68
N GLY B 9 -4.43 9.46 4.16
CA GLY B 9 -4.74 8.98 2.83
C GLY B 9 -4.04 9.84 1.80
N PRO B 10 -4.17 9.54 0.50
CA PRO B 10 -3.52 10.30 -0.56
C PRO B 10 -4.06 11.71 -0.85
N GLY B 11 -5.25 12.03 -0.35
CA GLY B 11 -5.78 13.36 -0.60
C GLY B 11 -7.29 13.43 -0.57
N ASP B 12 -7.93 12.58 -1.36
CA ASP B 12 -9.39 12.52 -1.43
C ASP B 12 -9.90 12.19 -0.02
N PRO B 13 -10.70 13.10 0.58
CA PRO B 13 -11.20 12.82 1.93
C PRO B 13 -11.99 11.52 2.02
N GLU B 14 -12.59 11.08 0.91
CA GLU B 14 -13.34 9.83 0.95
C GLU B 14 -12.42 8.63 1.19
N LEU B 15 -11.12 8.82 1.03
CA LEU B 15 -10.17 7.73 1.22
C LEU B 15 -9.58 7.69 2.64
N LEU B 16 -10.18 8.47 3.53
CA LEU B 16 -9.80 8.44 4.94
C LEU B 16 -10.37 7.12 5.45
N THR B 17 -9.78 6.55 6.50
CA THR B 17 -10.39 5.34 7.04
C THR B 17 -11.55 5.80 7.96
N LEU B 18 -12.45 4.89 8.30
CA LEU B 18 -13.56 5.23 9.20
C LEU B 18 -12.92 5.72 10.51
N LYS B 19 -11.92 4.99 10.99
CA LYS B 19 -11.23 5.35 12.23
C LYS B 19 -10.64 6.76 12.20
N ALA B 20 -9.91 7.09 11.13
CA ALA B 20 -9.30 8.42 10.98
C ALA B 20 -10.34 9.53 11.02
N TYR B 21 -11.44 9.30 10.33
CA TYR B 21 -12.53 10.25 10.24
C TYR B 21 -13.15 10.58 11.60
N ARG B 22 -13.41 9.54 12.37
CA ARG B 22 -13.99 9.69 13.69
C ARG B 22 -13.03 10.42 14.61
N LEU B 23 -11.74 10.06 14.55
CA LEU B 23 -10.74 10.71 15.39
C LEU B 23 -10.60 12.19 15.02
N LEU B 24 -10.71 12.50 13.73
CA LEU B 24 -10.62 13.89 13.29
C LEU B 24 -11.79 14.73 13.77
N LYS B 25 -12.99 14.15 13.71
CA LYS B 25 -14.18 14.87 14.14
C LYS B 25 -14.11 15.11 15.64
N GLU B 26 -13.59 14.12 16.38
CA GLU B 26 -13.52 14.19 17.83
C GLU B 26 -12.27 14.78 18.51
N ALA B 27 -11.16 14.85 17.79
CA ALA B 27 -9.93 15.37 18.40
C ALA B 27 -9.96 16.84 18.81
N PRO B 28 -9.47 17.14 20.03
CA PRO B 28 -9.43 18.52 20.53
C PRO B 28 -8.35 19.26 19.73
N VAL B 29 -7.33 18.51 19.32
CA VAL B 29 -6.22 19.05 18.54
C VAL B 29 -5.76 18.10 17.43
N VAL B 30 -5.46 18.66 16.26
CA VAL B 30 -4.96 17.90 15.12
C VAL B 30 -3.64 18.52 14.66
N LEU B 31 -2.56 17.81 14.91
CA LEU B 31 -1.21 18.25 14.54
C LEU B 31 -0.92 17.66 13.17
N TYR B 32 -1.02 18.50 12.15
CA TYR B 32 -0.82 18.03 10.79
C TYR B 32 0.47 18.52 10.18
N ASP B 33 0.92 17.80 9.17
CA ASP B 33 2.10 18.28 8.51
C ASP B 33 1.79 18.57 7.06
N ARG B 34 2.79 19.07 6.34
CA ARG B 34 2.65 19.52 4.99
C ARG B 34 1.84 18.65 3.98
N LEU B 35 2.02 17.32 4.15
CA LEU B 35 1.42 16.20 3.35
C LEU B 35 -0.10 16.09 3.45
N VAL B 36 -0.73 16.96 4.22
CA VAL B 36 -2.15 16.80 4.44
C VAL B 36 -3.00 17.71 3.59
N ASP B 37 -3.98 17.09 2.94
CA ASP B 37 -4.96 17.71 2.03
C ASP B 37 -5.90 18.62 2.82
N GLU B 38 -6.18 19.78 2.25
CA GLU B 38 -7.06 20.77 2.86
C GLU B 38 -8.47 20.25 3.15
N ARG B 39 -8.98 19.43 2.23
CA ARG B 39 -10.32 18.89 2.37
C ARG B 39 -10.43 18.00 3.59
N VAL B 40 -9.36 17.28 3.90
CA VAL B 40 -9.35 16.42 5.08
C VAL B 40 -9.31 17.28 6.34
N LEU B 41 -8.49 18.33 6.35
CA LEU B 41 -8.42 19.18 7.54
C LEU B 41 -9.74 19.87 7.84
N ALA B 42 -10.38 20.35 6.78
CA ALA B 42 -11.66 21.03 6.89
C ALA B 42 -12.71 20.18 7.62
N LEU B 43 -12.45 18.88 7.74
CA LEU B 43 -13.39 18.02 8.42
C LEU B 43 -13.18 18.04 9.94
N ALA B 44 -12.04 18.56 10.38
CA ALA B 44 -11.73 18.63 11.80
C ALA B 44 -12.17 19.95 12.40
N PRO B 45 -13.04 19.92 13.43
CA PRO B 45 -13.51 21.16 14.06
C PRO B 45 -12.64 21.58 15.25
N GLY B 46 -11.74 20.69 15.67
CA GLY B 46 -10.87 21.01 16.79
C GLY B 46 -9.75 21.94 16.39
N GLU B 47 -8.73 22.05 17.25
CA GLU B 47 -7.57 22.90 17.03
C GLU B 47 -6.60 22.29 16.02
N LYS B 48 -6.36 23.04 14.95
CA LYS B 48 -5.46 22.59 13.90
C LYS B 48 -4.08 23.22 14.01
N VAL B 49 -3.09 22.40 14.33
CA VAL B 49 -1.72 22.90 14.45
C VAL B 49 -0.81 22.29 13.39
N TYR B 50 -0.18 23.14 12.58
CA TYR B 50 0.76 22.69 11.54
C TYR B 50 2.03 22.30 12.27
N VAL B 51 2.41 21.03 12.16
CA VAL B 51 3.62 20.56 12.80
C VAL B 51 4.43 19.78 11.79
N GLU B 62 13.50 15.90 17.70
CA GLU B 62 13.58 17.13 16.96
C GLU B 62 12.65 18.21 17.57
N GLU B 63 12.46 19.25 16.78
CA GLU B 63 11.65 20.43 17.10
C GLU B 63 10.20 20.23 16.70
N ILE B 64 9.97 19.11 16.00
CA ILE B 64 8.65 18.71 15.57
C ILE B 64 8.19 17.80 16.69
N HIS B 65 9.12 16.99 17.17
CA HIS B 65 8.87 16.04 18.24
C HIS B 65 8.45 16.70 19.55
N ARG B 66 9.20 17.71 19.97
CA ARG B 66 8.91 18.40 21.23
C ARG B 66 7.62 19.18 21.15
N LEU B 67 7.33 19.73 19.97
CA LEU B 67 6.09 20.45 19.77
C LEU B 67 4.91 19.49 19.87
N LEU B 68 5.17 18.20 19.62
CA LEU B 68 4.14 17.17 19.66
C LEU B 68 3.88 16.81 21.11
N LEU B 69 4.97 16.66 21.86
CA LEU B 69 4.91 16.32 23.27
C LEU B 69 4.06 17.33 24.05
N ARG B 70 4.27 18.62 23.80
CA ARG B 70 3.52 19.65 24.50
C ARG B 70 2.01 19.55 24.42
N HIS B 71 1.49 19.22 23.24
CA HIS B 71 0.05 19.12 23.07
C HIS B 71 -0.48 17.81 23.55
N ALA B 72 0.33 16.77 23.41
CA ALA B 72 -0.08 15.46 23.85
C ALA B 72 -0.40 15.53 25.34
N ARG B 73 0.38 16.33 26.06
CA ARG B 73 0.20 16.50 27.49
C ARG B 73 -0.97 17.41 27.84
N ALA B 74 -1.22 18.43 27.02
CA ALA B 74 -2.32 19.35 27.26
C ALA B 74 -3.71 18.70 27.20
N HIS B 75 -3.83 17.55 26.55
CA HIS B 75 -5.15 16.90 26.44
C HIS B 75 -5.20 15.39 26.69
N PRO B 76 -6.41 14.83 26.75
CA PRO B 76 -6.64 13.39 26.98
C PRO B 76 -6.07 12.58 25.82
N PHE B 77 -6.09 13.18 24.63
CA PHE B 77 -5.57 12.53 23.43
C PHE B 77 -5.50 13.56 22.32
N VAL B 78 -4.61 13.35 21.38
CA VAL B 78 -4.47 14.27 20.26
C VAL B 78 -4.26 13.45 18.99
N VAL B 79 -4.47 14.09 17.84
CA VAL B 79 -4.29 13.41 16.57
C VAL B 79 -3.10 13.98 15.80
N ARG B 80 -2.18 13.09 15.43
CA ARG B 80 -1.01 13.48 14.64
C ARG B 80 -1.28 12.88 13.26
N LEU B 81 -1.64 13.77 12.34
CA LEU B 81 -2.04 13.41 11.00
C LEU B 81 -0.97 13.51 9.93
N LYS B 82 -0.72 12.40 9.22
CA LYS B 82 0.30 12.39 8.17
C LYS B 82 -0.31 11.93 6.86
N GLY B 83 0.26 12.39 5.74
CA GLY B 83 -0.27 12.00 4.45
C GLY B 83 -0.11 10.52 4.21
N GLY B 84 -1.03 9.93 3.44
CA GLY B 84 -0.96 8.50 3.11
C GLY B 84 -1.08 7.61 4.33
N ASP B 85 -0.10 6.71 4.51
CA ASP B 85 -0.07 5.84 5.67
C ASP B 85 1.10 6.44 6.47
N PRO B 86 0.93 6.64 7.78
CA PRO B 86 2.01 7.22 8.59
C PRO B 86 3.30 6.42 8.74
N MET B 87 3.22 5.11 8.56
CA MET B 87 4.39 4.26 8.74
C MET B 87 5.37 4.05 7.57
N VAL B 88 5.14 4.71 6.43
CA VAL B 88 6.07 4.60 5.31
C VAL B 88 6.39 5.97 4.74
N PHE B 89 7.68 6.25 4.54
CA PHE B 89 8.12 7.49 3.92
C PHE B 89 7.70 8.78 4.61
N GLY B 90 7.54 8.74 5.93
CA GLY B 90 7.13 9.95 6.62
C GLY B 90 7.77 10.19 7.98
N ARG B 91 8.83 9.45 8.27
CA ARG B 91 9.53 9.57 9.54
C ARG B 91 8.59 9.25 10.71
N GLY B 92 7.62 8.39 10.43
CA GLY B 92 6.66 8.00 11.44
C GLY B 92 7.33 7.23 12.56
N GLY B 93 8.26 6.37 12.16
CA GLY B 93 8.98 5.58 13.14
C GLY B 93 9.70 6.45 14.15
N GLU B 94 10.28 7.55 13.68
CA GLU B 94 11.01 8.47 14.55
C GLU B 94 10.06 9.12 15.56
N GLU B 95 8.93 9.62 15.09
CA GLU B 95 7.96 10.26 15.98
C GLU B 95 7.46 9.25 17.02
N VAL B 96 7.25 8.01 16.62
CA VAL B 96 6.78 6.98 17.55
C VAL B 96 7.78 6.76 18.67
N LEU B 97 9.04 6.53 18.31
CA LEU B 97 10.11 6.32 19.30
C LEU B 97 10.13 7.45 20.31
N PHE B 98 10.37 8.66 19.81
CA PHE B 98 10.44 9.84 20.65
C PHE B 98 9.30 9.86 21.65
N LEU B 99 8.08 9.64 21.18
CA LEU B 99 6.90 9.68 22.03
C LEU B 99 6.86 8.58 23.08
N LEU B 100 7.24 7.37 22.69
CA LEU B 100 7.26 6.27 23.62
C LEU B 100 8.32 6.51 24.69
N ARG B 101 9.44 7.09 24.27
CA ARG B 101 10.54 7.38 25.18
C ARG B 101 10.18 8.46 26.21
N HIS B 102 9.10 9.18 25.93
CA HIS B 102 8.64 10.22 26.84
C HIS B 102 7.32 9.76 27.45
N GLY B 103 7.19 8.44 27.57
CA GLY B 103 6.01 7.85 28.17
C GLY B 103 4.68 8.04 27.46
N VAL B 104 4.64 8.84 26.39
CA VAL B 104 3.39 9.09 25.67
C VAL B 104 2.91 7.88 24.89
N PRO B 105 1.72 7.38 25.22
CA PRO B 105 1.17 6.21 24.52
C PRO B 105 0.92 6.62 23.07
N VAL B 106 1.10 5.68 22.15
CA VAL B 106 0.85 5.98 20.74
C VAL B 106 0.06 4.87 20.08
N GLU B 107 -0.97 5.25 19.33
CA GLU B 107 -1.75 4.27 18.61
C GLU B 107 -1.66 4.65 17.15
N VAL B 108 -1.26 3.71 16.31
CA VAL B 108 -1.13 3.95 14.89
C VAL B 108 -2.40 3.55 14.15
N VAL B 109 -2.85 4.44 13.29
CA VAL B 109 -4.03 4.17 12.47
C VAL B 109 -3.57 4.21 11.01
N PRO B 110 -3.38 3.03 10.39
CA PRO B 110 -2.94 2.87 9.00
C PRO B 110 -3.81 3.66 8.04
N GLY B 111 -3.27 3.96 6.87
CA GLY B 111 -4.03 4.71 5.89
C GLY B 111 -3.81 4.17 4.48
N VAL B 112 -4.44 4.82 3.52
CA VAL B 112 -4.29 4.46 2.13
C VAL B 112 -3.01 5.16 1.69
N THR B 113 -1.94 4.41 1.48
CA THR B 113 -0.68 5.03 1.07
C THR B 113 -0.80 5.58 -0.35
N SER B 114 -0.05 6.65 -0.64
CA SER B 114 -0.09 7.26 -1.96
C SER B 114 0.42 6.27 -3.02
N LEU B 115 1.24 5.31 -2.58
CA LEU B 115 1.77 4.29 -3.48
C LEU B 115 0.64 3.61 -4.22
N LEU B 116 -0.53 3.57 -3.59
CA LEU B 116 -1.70 2.91 -4.16
C LEU B 116 -2.73 3.89 -4.72
N ALA B 117 -2.35 5.16 -4.87
CA ALA B 117 -3.29 6.14 -5.36
C ALA B 117 -3.53 6.19 -6.86
N SER B 118 -2.77 5.44 -7.65
CA SER B 118 -2.99 5.50 -9.10
C SER B 118 -4.11 4.57 -9.59
N GLY B 119 -4.45 3.56 -8.81
CA GLY B 119 -5.49 2.64 -9.22
C GLY B 119 -4.94 1.54 -10.12
N LEU B 120 -3.67 1.66 -10.51
CA LEU B 120 -3.05 0.64 -11.36
C LEU B 120 -2.71 -0.61 -10.54
N PRO B 121 -2.71 -1.79 -11.19
CA PRO B 121 -2.38 -3.01 -10.45
C PRO B 121 -0.86 -3.09 -10.33
N LEU B 122 -0.30 -2.84 -9.15
CA LEU B 122 1.16 -2.89 -9.03
C LEU B 122 1.66 -4.32 -9.22
N THR B 123 0.81 -5.31 -8.94
CA THR B 123 1.17 -6.70 -9.19
C THR B 123 0.17 -7.14 -10.26
N HIS B 124 0.65 -7.86 -11.27
CA HIS B 124 -0.25 -8.29 -12.33
C HIS B 124 0.33 -9.53 -12.98
N ARG B 125 -0.54 -10.51 -13.22
CA ARG B 125 -0.12 -11.76 -13.81
C ARG B 125 0.74 -11.59 -15.04
N GLY B 126 1.93 -12.15 -14.99
CA GLY B 126 2.84 -12.08 -16.11
C GLY B 126 3.66 -10.80 -16.22
N LEU B 127 3.37 -9.80 -15.38
CA LEU B 127 4.13 -8.56 -15.44
C LEU B 127 4.89 -8.31 -14.14
N ALA B 128 4.27 -8.62 -13.02
CA ALA B 128 4.90 -8.40 -11.72
C ALA B 128 4.27 -9.23 -10.61
N HIS B 129 5.09 -9.92 -9.83
CA HIS B 129 4.56 -10.75 -8.74
C HIS B 129 4.81 -10.07 -7.40
N GLY B 130 5.32 -8.85 -7.46
CA GLY B 130 5.60 -8.09 -6.26
C GLY B 130 6.04 -6.72 -6.71
N PHE B 131 6.27 -5.81 -5.78
CA PHE B 131 6.71 -4.49 -6.14
C PHE B 131 7.58 -3.94 -5.01
N ALA B 132 8.22 -2.81 -5.26
CA ALA B 132 9.07 -2.17 -4.27
C ALA B 132 8.78 -0.68 -4.32
N ALA B 133 9.09 0.03 -3.24
CA ALA B 133 8.87 1.47 -3.19
C ALA B 133 10.12 2.07 -2.55
N VAL B 134 10.60 3.18 -3.09
CA VAL B 134 11.81 3.80 -2.59
C VAL B 134 11.69 5.32 -2.66
N SER B 135 12.45 6.00 -1.81
CA SER B 135 12.44 7.46 -1.78
C SER B 135 13.66 8.03 -2.51
N GLY B 136 13.44 9.12 -3.27
CA GLY B 136 14.54 9.75 -3.99
C GLY B 136 15.33 10.69 -3.08
N VAL B 137 14.81 10.93 -1.87
CA VAL B 137 15.47 11.80 -0.91
C VAL B 137 15.45 11.13 0.47
N LEU B 138 16.62 11.05 1.10
CA LEU B 138 16.71 10.41 2.40
C LEU B 138 16.66 11.49 3.48
N GLU B 139 16.46 11.07 4.73
CA GLU B 139 16.50 12.00 5.83
C GLU B 139 17.94 12.53 5.76
N GLY B 140 18.11 13.84 5.85
CA GLY B 140 19.46 14.37 5.76
C GLY B 140 19.73 14.92 4.38
N GLY B 141 18.84 14.61 3.44
CA GLY B 141 19.00 15.12 2.09
C GLY B 141 19.79 14.27 1.09
N GLY B 142 20.33 13.15 1.52
CA GLY B 142 21.10 12.30 0.63
C GLY B 142 20.32 11.54 -0.44
N TYR B 143 21.08 10.85 -1.30
CA TYR B 143 20.54 10.06 -2.41
C TYR B 143 20.35 8.60 -2.02
N PRO B 144 19.30 7.96 -2.54
CA PRO B 144 19.06 6.56 -2.20
C PRO B 144 19.97 5.58 -2.92
N ASP B 145 20.22 4.45 -2.27
CA ASP B 145 21.01 3.40 -2.91
C ASP B 145 19.94 2.62 -3.67
N LEU B 146 19.96 2.71 -4.99
CA LEU B 146 18.95 2.05 -5.83
C LEU B 146 19.23 0.61 -6.25
N ARG B 147 20.42 0.11 -5.96
CA ARG B 147 20.80 -1.24 -6.36
C ARG B 147 19.88 -2.37 -5.87
N PRO B 148 19.46 -2.35 -4.60
CA PRO B 148 18.58 -3.44 -4.19
C PRO B 148 17.19 -3.33 -4.85
N PHE B 149 16.88 -2.17 -5.40
CA PHE B 149 15.58 -1.91 -6.02
C PHE B 149 15.53 -1.91 -7.53
N ALA B 150 16.70 -1.79 -8.16
CA ALA B 150 16.75 -1.65 -9.60
C ALA B 150 16.00 -2.63 -10.49
N ARG B 151 15.91 -3.90 -10.09
CA ARG B 151 15.24 -4.87 -10.94
C ARG B 151 13.88 -5.42 -10.46
N VAL B 152 13.25 -4.77 -9.49
CA VAL B 152 11.92 -5.26 -9.06
C VAL B 152 11.03 -4.97 -10.27
N PRO B 153 10.15 -5.91 -10.65
CA PRO B 153 9.29 -5.67 -11.83
C PRO B 153 8.46 -4.40 -11.81
N THR B 154 7.88 -4.04 -10.67
CA THR B 154 7.15 -2.79 -10.59
C THR B 154 7.89 -1.99 -9.52
N LEU B 155 8.30 -0.79 -9.85
CA LEU B 155 9.00 0.05 -8.89
C LEU B 155 8.29 1.37 -8.76
N VAL B 156 8.06 1.78 -7.53
CA VAL B 156 7.41 3.03 -7.25
C VAL B 156 8.40 3.93 -6.51
N VAL B 157 8.53 5.17 -6.98
CA VAL B 157 9.45 6.11 -6.39
C VAL B 157 8.69 7.34 -5.85
N LEU B 158 8.94 7.66 -4.59
CA LEU B 158 8.35 8.83 -3.95
C LEU B 158 9.49 9.83 -3.78
N MET B 159 9.15 11.13 -3.80
CA MET B 159 10.14 12.19 -3.70
C MET B 159 11.25 12.01 -4.72
N GLY B 160 10.88 11.66 -5.96
CA GLY B 160 11.86 11.45 -7.02
C GLY B 160 11.74 12.43 -8.18
N VAL B 161 10.86 13.42 -8.07
CA VAL B 161 10.70 14.41 -9.16
C VAL B 161 11.92 15.29 -9.41
N GLY B 162 12.40 16.00 -8.39
CA GLY B 162 13.55 16.87 -8.56
C GLY B 162 14.76 16.14 -9.08
N ARG B 163 14.94 14.91 -8.60
CA ARG B 163 16.08 14.08 -9.01
C ARG B 163 15.74 13.02 -10.05
N ARG B 164 14.64 13.20 -10.79
CA ARG B 164 14.22 12.19 -11.75
C ARG B 164 15.25 11.82 -12.80
N VAL B 165 16.01 12.77 -13.29
CA VAL B 165 17.03 12.47 -14.31
C VAL B 165 18.09 11.55 -13.70
N TRP B 166 18.63 11.95 -12.55
CA TRP B 166 19.65 11.12 -11.90
C TRP B 166 19.10 9.74 -11.59
N ILE B 167 17.87 9.67 -11.06
CA ILE B 167 17.29 8.38 -10.71
C ILE B 167 17.14 7.52 -11.97
N ALA B 168 16.62 8.11 -13.05
CA ALA B 168 16.44 7.38 -14.30
C ALA B 168 17.78 6.88 -14.83
N LYS B 169 18.79 7.75 -14.83
CA LYS B 169 20.10 7.33 -15.33
C LYS B 169 20.69 6.23 -14.48
N GLU B 170 20.49 6.33 -13.18
CA GLU B 170 21.03 5.31 -12.29
C GLU B 170 20.31 3.97 -12.52
N LEU B 171 18.99 3.99 -12.69
CA LEU B 171 18.27 2.74 -12.93
C LEU B 171 18.70 2.14 -14.28
N LEU B 172 18.93 2.99 -15.28
CA LEU B 172 19.40 2.50 -16.57
C LEU B 172 20.76 1.84 -16.37
N ARG B 173 21.62 2.50 -15.61
CA ARG B 173 22.95 1.96 -15.32
C ARG B 173 22.83 0.62 -14.60
N LEU B 174 21.79 0.48 -13.80
CA LEU B 174 21.61 -0.75 -13.04
C LEU B 174 20.82 -1.82 -13.80
N GLY B 175 20.58 -1.59 -15.10
CA GLY B 175 19.92 -2.59 -15.92
C GLY B 175 18.44 -2.52 -16.26
N ARG B 176 17.73 -1.44 -15.89
CA ARG B 176 16.33 -1.39 -16.25
C ARG B 176 16.22 -1.07 -17.72
N ASP B 177 15.13 -1.55 -18.32
CA ASP B 177 14.86 -1.36 -19.73
C ASP B 177 14.58 0.11 -20.09
N PRO B 178 15.39 0.70 -20.97
CA PRO B 178 15.19 2.09 -21.37
C PRO B 178 13.85 2.37 -22.03
N ARG B 179 13.19 1.32 -22.54
CA ARG B 179 11.90 1.49 -23.21
C ARG B 179 10.78 1.19 -22.24
N GLU B 180 11.15 0.86 -21.01
CA GLU B 180 10.16 0.58 -19.99
C GLU B 180 9.18 1.74 -19.88
N PRO B 181 7.87 1.46 -19.87
CA PRO B 181 6.93 2.57 -19.73
C PRO B 181 6.91 3.06 -18.27
N THR B 182 6.83 4.37 -18.05
CA THR B 182 6.77 4.85 -16.67
C THR B 182 5.66 5.89 -16.60
N LEU B 183 5.19 6.12 -15.38
CA LEU B 183 4.10 7.06 -15.17
C LEU B 183 4.26 7.93 -13.93
N PHE B 184 4.11 9.24 -14.13
CA PHE B 184 4.17 10.19 -13.04
C PHE B 184 2.75 10.66 -12.78
N VAL B 185 2.31 10.60 -11.53
CA VAL B 185 0.97 11.08 -11.20
C VAL B 185 1.17 12.26 -10.25
N GLU B 186 1.01 13.49 -10.74
CA GLU B 186 1.15 14.65 -9.88
C GLU B 186 -0.15 14.79 -9.08
N ARG B 187 -0.02 15.15 -7.81
CA ARG B 187 -1.18 15.36 -6.93
C ARG B 187 -2.27 14.36 -7.12
N ALA B 188 -1.89 13.09 -7.00
CA ALA B 188 -2.83 12.00 -7.17
C ALA B 188 -3.95 12.14 -6.11
N SER B 189 -5.12 11.70 -6.50
CA SER B 189 -6.36 11.70 -5.74
C SER B 189 -7.12 13.03 -5.79
N THR B 190 -6.38 14.14 -5.95
CA THR B 190 -6.95 15.50 -6.00
C THR B 190 -7.46 15.96 -7.37
N PRO B 191 -8.11 17.14 -7.41
CA PRO B 191 -8.64 17.69 -8.67
C PRO B 191 -7.54 18.12 -9.62
N LYS B 192 -6.34 18.36 -9.09
CA LYS B 192 -5.22 18.81 -9.92
C LYS B 192 -4.39 17.62 -10.35
N GLU B 193 -4.94 16.42 -10.21
CA GLU B 193 -4.19 15.24 -10.59
C GLU B 193 -3.85 15.29 -12.08
N ARG B 194 -2.55 15.18 -12.39
CA ARG B 194 -2.10 15.20 -13.78
C ARG B 194 -1.17 14.02 -14.00
N ARG B 195 -1.52 13.17 -14.95
CA ARG B 195 -0.71 12.02 -15.26
C ARG B 195 0.23 12.28 -16.43
N VAL B 196 1.49 11.91 -16.24
CA VAL B 196 2.49 12.12 -17.25
C VAL B 196 3.15 10.80 -17.63
N HIS B 197 2.98 10.42 -18.89
CA HIS B 197 3.52 9.18 -19.41
C HIS B 197 4.87 9.40 -20.11
N ALA B 198 5.81 8.49 -19.85
CA ALA B 198 7.14 8.60 -20.45
C ALA B 198 7.91 7.30 -20.31
N ARG B 199 8.76 7.01 -21.30
CA ARG B 199 9.57 5.80 -21.20
C ARG B 199 10.72 6.19 -20.27
N LEU B 200 11.35 5.22 -19.64
CA LEU B 200 12.44 5.52 -18.73
C LEU B 200 13.54 6.36 -19.38
N GLU B 201 13.92 6.02 -20.60
CA GLU B 201 14.98 6.74 -21.30
C GLU B 201 14.64 8.22 -21.50
N GLU B 202 13.37 8.51 -21.76
CA GLU B 202 12.96 9.90 -21.95
C GLU B 202 13.16 10.68 -20.65
N VAL B 203 13.03 10.00 -19.50
CA VAL B 203 13.22 10.69 -18.24
C VAL B 203 14.71 10.97 -18.06
N ALA B 204 15.53 9.96 -18.35
CA ALA B 204 16.99 10.10 -18.22
C ALA B 204 17.52 11.17 -19.18
N GLU B 205 16.83 11.38 -20.29
CA GLU B 205 17.26 12.39 -21.27
C GLU B 205 16.77 13.77 -20.92
N GLY B 206 16.16 13.91 -19.75
CA GLY B 206 15.69 15.21 -19.30
C GLY B 206 14.58 15.78 -20.16
N LYS B 207 13.77 14.91 -20.75
CA LYS B 207 12.71 15.35 -21.62
C LYS B 207 11.34 15.50 -20.96
N VAL B 208 11.19 14.94 -19.76
CA VAL B 208 9.91 14.96 -19.08
C VAL B 208 9.67 16.06 -18.04
N GLU B 209 8.61 16.85 -18.26
CA GLU B 209 8.26 17.93 -17.34
C GLU B 209 7.29 17.39 -16.31
N VAL B 210 7.69 17.47 -15.04
CA VAL B 210 6.86 17.02 -13.91
C VAL B 210 7.19 17.93 -12.72
N ARG B 211 6.19 18.22 -11.88
CA ARG B 211 6.43 19.04 -10.71
C ARG B 211 5.98 18.25 -9.49
N PRO B 212 6.66 18.44 -8.34
CA PRO B 212 6.30 17.73 -7.12
C PRO B 212 5.07 18.37 -6.46
N PRO B 213 4.33 17.61 -5.64
CA PRO B 213 4.61 16.21 -5.34
C PRO B 213 4.04 15.28 -6.41
N ALA B 214 4.75 14.20 -6.70
CA ALA B 214 4.27 13.26 -7.69
C ALA B 214 4.70 11.84 -7.37
N LEU B 215 3.82 10.90 -7.68
CA LEU B 215 4.07 9.48 -7.49
C LEU B 215 4.70 9.04 -8.82
N TRP B 216 5.73 8.20 -8.78
CA TRP B 216 6.36 7.76 -10.03
C TRP B 216 6.35 6.23 -10.08
N ILE B 217 5.63 5.70 -11.05
CA ILE B 217 5.55 4.25 -11.20
C ILE B 217 6.27 3.79 -12.46
N LEU B 218 7.13 2.78 -12.29
CA LEU B 218 7.90 2.23 -13.40
C LEU B 218 7.60 0.75 -13.58
N GLY B 219 7.27 0.36 -14.81
CA GLY B 219 7.00 -1.03 -15.09
C GLY B 219 5.92 -1.22 -16.13
N GLU B 220 5.86 -2.41 -16.72
CA GLU B 220 4.86 -2.69 -17.74
C GLU B 220 3.41 -2.51 -17.25
N VAL B 221 3.15 -2.70 -15.94
CA VAL B 221 1.79 -2.58 -15.40
C VAL B 221 1.18 -1.23 -15.74
N VAL B 222 2.05 -0.27 -16.07
CA VAL B 222 1.64 1.08 -16.44
C VAL B 222 0.70 1.09 -17.66
N ARG B 223 0.93 0.14 -18.57
CA ARG B 223 0.14 0.02 -19.80
C ARG B 223 -0.96 -1.04 -19.76
N VAL B 224 -1.21 -1.61 -18.60
CA VAL B 224 -2.21 -2.68 -18.46
C VAL B 224 -3.62 -2.36 -18.99
N PHE B 225 -4.12 -1.14 -18.80
CA PHE B 225 -5.47 -0.81 -19.27
C PHE B 225 -5.51 0.04 -20.53
N ALA B 226 -4.41 0.04 -21.28
CA ALA B 226 -4.35 0.81 -22.52
C ALA B 226 -4.97 0.00 -23.66
N GLU B 227 -5.92 0.60 -24.37
CA GLU B 227 -6.56 -0.08 -25.50
C GLU B 227 -5.48 -0.59 -26.44
N LYS B 228 -5.80 -1.62 -27.21
CA LYS B 228 -4.84 -2.23 -28.12
C LYS B 228 -4.84 -1.46 -29.41
N GLU B 229 -6.07 -1.13 -29.82
CA GLU B 229 -6.29 -0.41 -31.06
C GLU B 229 -5.90 1.09 -31.07
N ALA B 230 -5.45 1.63 -29.93
CA ALA B 230 -5.05 3.07 -29.80
C ALA B 230 -4.57 3.58 -28.40
N PRO B 231 -3.77 4.71 -28.33
CA PRO B 231 -3.34 5.15 -26.99
C PRO B 231 -4.48 5.74 -26.14
N VAL B 232 -5.42 4.87 -25.80
CA VAL B 232 -6.59 5.26 -25.02
C VAL B 232 -6.60 4.55 -23.67
N ASP B 233 -6.71 5.34 -22.60
CA ASP B 233 -6.78 4.79 -21.25
C ASP B 233 -8.20 4.30 -21.00
N ALA B 234 -8.44 3.02 -21.21
CA ALA B 234 -9.77 2.45 -21.02
C ALA B 234 -10.35 2.63 -19.62
N LEU B 235 -9.51 2.68 -18.59
CA LEU B 235 -10.04 2.85 -17.23
C LEU B 235 -10.60 4.25 -16.98
N ALA B 236 -9.86 5.28 -17.39
CA ALA B 236 -10.25 6.68 -17.21
C ALA B 236 -11.55 7.01 -17.90
N LEU B 237 -11.76 6.38 -19.05
CA LEU B 237 -12.95 6.62 -19.85
C LEU B 237 -13.97 5.52 -19.64
#